data_1CH4
#
_entry.id   1CH4
#
_cell.length_a   62.870
_cell.length_b   81.310
_cell.length_c   55.110
_cell.angle_alpha   90.00
_cell.angle_beta   90.96
_cell.angle_gamma   90.00
#
_symmetry.space_group_name_H-M   'P 1 21 1'
#
loop_
_entity.id
_entity.type
_entity.pdbx_description
1 polymer 'MODULE-SUBSTITUTED CHIMERA HEMOGLOBIN BETA-ALPHA'
2 non-polymer 'PROTOPORPHYRIN IX CONTAINING FE'
3 non-polymer 'CARBON MONOXIDE'
4 water water
#
_entity_poly.entity_id   1
_entity_poly.type   'polypeptide(L)'
_entity_poly.pdbx_seq_one_letter_code
;VHLTPEEKSAVTALWGKVNVDEVGGEALGRLLVVYPWTQRFFESFGDLSTPDAVMGNPKVKAHGKKVLGAFSDGLAHLDN
LKGTFATLSELHCDKLRVDPVNFKLLSHCLLVTLAAHLPAEFTPAVHASLDKVLASVSTVLTSKYR
;
_entity_poly.pdbx_strand_id   A,B,C,D
#
# COMPACT_ATOMS: atom_id res chain seq x y z
N VAL A 1 -16.62 4.40 -8.40
CA VAL A 1 -17.69 3.46 -8.64
C VAL A 1 -18.30 4.01 -9.92
N HIS A 2 -18.26 3.21 -10.97
CA HIS A 2 -18.91 3.53 -12.23
C HIS A 2 -19.53 2.20 -12.61
N LEU A 3 -20.79 2.04 -12.26
CA LEU A 3 -21.47 0.78 -12.50
C LEU A 3 -22.49 0.92 -13.61
N THR A 4 -22.51 -0.04 -14.51
CA THR A 4 -23.49 -0.07 -15.57
C THR A 4 -24.76 -0.65 -14.97
N PRO A 5 -25.94 -0.53 -15.59
CA PRO A 5 -27.17 -1.21 -15.15
C PRO A 5 -26.97 -2.70 -14.90
N GLU A 6 -26.13 -3.33 -15.72
CA GLU A 6 -25.82 -4.75 -15.63
C GLU A 6 -25.01 -5.06 -14.39
N GLU A 7 -24.18 -4.11 -13.96
CA GLU A 7 -23.35 -4.33 -12.78
C GLU A 7 -24.16 -4.12 -11.52
N LYS A 8 -24.95 -3.03 -11.50
CA LYS A 8 -25.80 -2.73 -10.38
C LYS A 8 -26.72 -3.88 -10.11
N SER A 9 -27.32 -4.49 -11.15
CA SER A 9 -28.28 -5.58 -10.99
C SER A 9 -27.68 -6.86 -10.44
N ALA A 10 -26.50 -7.23 -10.98
CA ALA A 10 -25.71 -8.34 -10.49
C ALA A 10 -25.21 -8.13 -9.07
N VAL A 11 -24.78 -6.94 -8.60
CA VAL A 11 -24.41 -6.80 -7.20
C VAL A 11 -25.68 -6.82 -6.35
N THR A 12 -26.75 -6.18 -6.82
CA THR A 12 -28.04 -6.18 -6.16
C THR A 12 -28.52 -7.58 -5.86
N ALA A 13 -28.54 -8.44 -6.89
CA ALA A 13 -28.98 -9.82 -6.78
C ALA A 13 -28.16 -10.59 -5.74
N LEU A 14 -26.83 -10.47 -5.86
CA LEU A 14 -25.88 -11.09 -4.94
C LEU A 14 -26.21 -10.70 -3.50
N TRP A 15 -26.31 -9.39 -3.29
CA TRP A 15 -26.51 -8.85 -1.97
C TRP A 15 -27.83 -9.28 -1.36
N GLY A 16 -28.85 -9.49 -2.20
CA GLY A 16 -30.14 -9.95 -1.72
C GLY A 16 -30.04 -11.32 -1.04
N LYS A 17 -29.06 -12.13 -1.39
CA LYS A 17 -28.92 -13.43 -0.74
C LYS A 17 -28.01 -13.39 0.46
N VAL A 18 -27.44 -12.23 0.82
CA VAL A 18 -26.50 -12.15 1.93
C VAL A 18 -27.20 -12.09 3.28
N ASN A 19 -26.84 -13.07 4.14
CA ASN A 19 -27.27 -13.07 5.54
C ASN A 19 -26.44 -12.06 6.32
N VAL A 20 -26.94 -10.85 6.54
CA VAL A 20 -26.13 -9.81 7.18
C VAL A 20 -25.68 -10.13 8.60
N ASP A 21 -26.45 -10.92 9.33
CA ASP A 21 -26.04 -11.29 10.69
C ASP A 21 -24.74 -12.06 10.60
N GLU A 22 -24.76 -13.20 9.89
CA GLU A 22 -23.58 -14.03 9.81
C GLU A 22 -22.43 -13.52 8.93
N VAL A 23 -22.61 -12.69 7.88
CA VAL A 23 -21.49 -12.28 7.06
C VAL A 23 -20.70 -11.14 7.70
N GLY A 24 -21.35 -10.15 8.30
CA GLY A 24 -20.67 -9.06 8.99
C GLY A 24 -19.75 -9.51 10.13
N GLY A 25 -20.22 -10.33 11.09
CA GLY A 25 -19.35 -10.82 12.16
C GLY A 25 -18.19 -11.67 11.66
N GLU A 26 -18.39 -12.37 10.55
CA GLU A 26 -17.32 -13.21 10.05
C GLU A 26 -16.30 -12.32 9.35
N ALA A 27 -16.75 -11.31 8.61
CA ALA A 27 -15.87 -10.39 7.95
C ALA A 27 -15.06 -9.63 8.98
N LEU A 28 -15.65 -9.02 10.02
CA LEU A 28 -14.91 -8.30 11.06
C LEU A 28 -14.03 -9.27 11.82
N GLY A 29 -14.47 -10.51 12.06
CA GLY A 29 -13.64 -11.48 12.75
C GLY A 29 -12.37 -11.91 12.02
N ARG A 30 -12.48 -12.11 10.69
CA ARG A 30 -11.33 -12.39 9.85
C ARG A 30 -10.34 -11.20 9.90
N LEU A 31 -10.74 -9.91 9.84
CA LEU A 31 -9.81 -8.78 9.98
C LEU A 31 -9.02 -8.85 11.28
N LEU A 32 -9.62 -9.15 12.42
CA LEU A 32 -8.90 -9.13 13.69
C LEU A 32 -7.99 -10.33 13.76
N VAL A 33 -8.41 -11.49 13.26
CA VAL A 33 -7.58 -12.69 13.29
C VAL A 33 -6.42 -12.58 12.33
N VAL A 34 -6.67 -12.27 11.06
CA VAL A 34 -5.66 -12.24 10.01
C VAL A 34 -4.75 -11.03 10.12
N TYR A 35 -5.31 -9.85 10.43
CA TYR A 35 -4.51 -8.66 10.48
C TYR A 35 -4.47 -8.18 11.93
N PRO A 36 -3.72 -8.83 12.82
CA PRO A 36 -3.88 -8.77 14.26
C PRO A 36 -3.66 -7.39 14.86
N TRP A 37 -2.99 -6.48 14.15
CA TRP A 37 -2.78 -5.13 14.64
C TRP A 37 -4.10 -4.37 14.72
N THR A 38 -5.15 -4.83 14.04
CA THR A 38 -6.44 -4.11 14.04
C THR A 38 -7.11 -4.26 15.39
N GLN A 39 -6.65 -5.24 16.18
CA GLN A 39 -7.19 -5.50 17.49
C GLN A 39 -7.04 -4.29 18.42
N ARG A 40 -6.00 -3.45 18.26
CA ARG A 40 -5.87 -2.23 19.05
C ARG A 40 -7.08 -1.31 18.94
N PHE A 41 -7.93 -1.38 17.91
CA PHE A 41 -9.10 -0.51 17.85
C PHE A 41 -10.28 -1.09 18.62
N PHE A 42 -10.21 -2.36 19.03
CA PHE A 42 -11.37 -3.03 19.53
C PHE A 42 -11.07 -3.74 20.83
N GLU A 43 -10.04 -3.34 21.57
CA GLU A 43 -9.73 -3.94 22.87
C GLU A 43 -10.87 -3.77 23.90
N SER A 44 -11.64 -2.67 23.87
CA SER A 44 -12.80 -2.52 24.73
C SER A 44 -13.73 -3.74 24.60
N PHE A 45 -13.77 -4.38 23.43
CA PHE A 45 -14.60 -5.54 23.18
C PHE A 45 -14.28 -6.78 23.98
N GLY A 46 -13.09 -6.87 24.59
CA GLY A 46 -12.80 -8.04 25.37
C GLY A 46 -11.64 -8.89 24.87
N ASP A 47 -11.84 -10.19 25.06
CA ASP A 47 -10.79 -11.13 24.74
C ASP A 47 -10.85 -11.42 23.28
N LEU A 48 -9.73 -11.12 22.66
CA LEU A 48 -9.58 -11.36 21.24
C LEU A 48 -8.30 -12.17 21.12
N SER A 49 -7.85 -12.91 22.14
CA SER A 49 -6.54 -13.57 22.09
C SER A 49 -6.33 -14.79 21.18
N THR A 50 -7.40 -15.36 20.65
CA THR A 50 -7.27 -16.52 19.78
C THR A 50 -8.30 -16.30 18.67
N PRO A 51 -8.31 -17.01 17.54
CA PRO A 51 -9.44 -17.09 16.62
C PRO A 51 -10.76 -17.42 17.32
N ASP A 52 -10.71 -18.38 18.23
CA ASP A 52 -11.88 -18.90 18.95
C ASP A 52 -12.49 -17.76 19.75
N ALA A 53 -11.63 -17.12 20.57
CA ALA A 53 -11.94 -15.86 21.23
C ALA A 53 -12.54 -14.78 20.32
N VAL A 54 -11.92 -14.43 19.18
CA VAL A 54 -12.48 -13.41 18.30
C VAL A 54 -13.85 -13.77 17.76
N MET A 55 -13.95 -14.94 17.15
CA MET A 55 -15.19 -15.38 16.48
C MET A 55 -16.37 -15.64 17.44
N GLY A 56 -16.03 -15.96 18.69
CA GLY A 56 -17.06 -16.15 19.71
C GLY A 56 -17.52 -14.83 20.32
N ASN A 57 -16.75 -13.76 20.15
CA ASN A 57 -17.04 -12.51 20.77
C ASN A 57 -18.27 -11.85 20.23
N PRO A 58 -19.28 -11.64 21.07
CA PRO A 58 -20.57 -11.13 20.63
C PRO A 58 -20.49 -9.67 20.32
N LYS A 59 -19.53 -8.96 20.92
CA LYS A 59 -19.36 -7.57 20.58
C LYS A 59 -18.89 -7.51 19.15
N VAL A 60 -18.04 -8.45 18.74
CA VAL A 60 -17.56 -8.56 17.37
C VAL A 60 -18.72 -8.87 16.46
N LYS A 61 -19.46 -9.89 16.81
CA LYS A 61 -20.61 -10.30 16.03
C LYS A 61 -21.61 -9.16 15.82
N ALA A 62 -21.92 -8.45 16.89
CA ALA A 62 -22.89 -7.39 16.82
C ALA A 62 -22.37 -6.20 16.03
N HIS A 63 -21.11 -5.81 16.24
CA HIS A 63 -20.55 -4.67 15.54
C HIS A 63 -20.47 -4.91 14.05
N GLY A 64 -20.07 -6.13 13.67
CA GLY A 64 -19.96 -6.55 12.31
C GLY A 64 -21.29 -6.41 11.66
N LYS A 65 -22.35 -6.71 12.41
CA LYS A 65 -23.68 -6.59 11.84
C LYS A 65 -23.98 -5.12 11.67
N LYS A 66 -23.54 -4.23 12.56
CA LYS A 66 -23.67 -2.78 12.36
C LYS A 66 -22.93 -2.27 11.10
N VAL A 67 -21.73 -2.77 10.80
CA VAL A 67 -20.94 -2.40 9.62
C VAL A 67 -21.68 -2.75 8.34
N LEU A 68 -22.14 -3.99 8.18
CA LEU A 68 -22.79 -4.38 6.95
C LEU A 68 -24.06 -3.64 6.67
N GLY A 69 -24.77 -3.31 7.74
CA GLY A 69 -25.94 -2.48 7.64
C GLY A 69 -25.61 -1.18 6.93
N ALA A 70 -24.64 -0.44 7.50
CA ALA A 70 -24.18 0.81 6.91
C ALA A 70 -23.80 0.64 5.43
N PHE A 71 -23.10 -0.45 5.15
CA PHE A 71 -22.75 -0.79 3.79
C PHE A 71 -23.99 -1.03 2.92
N SER A 72 -25.05 -1.73 3.33
CA SER A 72 -26.22 -1.95 2.49
C SER A 72 -26.91 -0.63 2.23
N ASP A 73 -26.89 0.24 3.24
CA ASP A 73 -27.40 1.56 3.12
C ASP A 73 -26.55 2.29 2.11
N GLY A 74 -25.23 2.08 2.06
CA GLY A 74 -24.41 2.67 1.03
C GLY A 74 -24.88 2.21 -0.36
N LEU A 75 -25.10 0.90 -0.49
CA LEU A 75 -25.56 0.29 -1.75
C LEU A 75 -26.89 0.82 -2.22
N ALA A 76 -27.81 1.23 -1.34
CA ALA A 76 -29.09 1.80 -1.78
C ALA A 76 -28.91 3.21 -2.33
N HIS A 77 -27.73 3.82 -2.23
CA HIS A 77 -27.56 5.21 -2.59
C HIS A 77 -26.20 5.41 -3.18
N LEU A 78 -25.84 4.72 -4.27
CA LEU A 78 -24.52 4.93 -4.88
C LEU A 78 -24.18 6.34 -5.35
N ASP A 79 -25.29 6.92 -5.79
CA ASP A 79 -25.39 8.29 -6.26
C ASP A 79 -25.12 9.34 -5.18
N ASN A 80 -25.07 8.97 -3.89
CA ASN A 80 -24.82 9.90 -2.81
C ASN A 80 -24.04 9.21 -1.67
N LEU A 81 -22.88 8.62 -2.01
CA LEU A 81 -22.09 7.96 -0.99
C LEU A 81 -21.56 8.95 0.03
N LYS A 82 -21.16 10.12 -0.46
CA LYS A 82 -20.60 11.19 0.36
C LYS A 82 -21.61 11.73 1.34
N GLY A 83 -22.88 11.87 0.93
CA GLY A 83 -23.93 12.31 1.82
C GLY A 83 -24.20 11.25 2.87
N THR A 84 -24.37 10.01 2.41
CA THR A 84 -24.62 8.91 3.33
C THR A 84 -23.53 8.67 4.40
N PHE A 85 -22.24 8.78 4.07
CA PHE A 85 -21.21 8.41 5.03
C PHE A 85 -20.42 9.53 5.73
N ALA A 86 -20.83 10.78 5.46
CA ALA A 86 -20.22 11.98 6.01
C ALA A 86 -20.02 11.90 7.50
N THR A 87 -20.99 11.55 8.33
CA THR A 87 -20.73 11.43 9.76
C THR A 87 -19.79 10.29 10.15
N LEU A 88 -19.79 9.19 9.37
CA LEU A 88 -18.89 8.10 9.70
C LEU A 88 -17.50 8.53 9.35
N SER A 89 -17.32 9.43 8.37
CA SER A 89 -16.02 9.99 8.03
C SER A 89 -15.45 10.70 9.25
N GLU A 90 -16.23 11.41 10.06
CA GLU A 90 -15.65 12.16 11.17
C GLU A 90 -15.37 11.30 12.37
N LEU A 91 -16.18 10.27 12.58
CA LEU A 91 -15.99 9.34 13.69
C LEU A 91 -14.68 8.60 13.43
N HIS A 92 -14.56 7.95 12.27
CA HIS A 92 -13.40 7.12 11.96
C HIS A 92 -12.13 7.92 11.86
N CYS A 93 -12.17 9.07 11.20
CA CYS A 93 -11.03 9.93 11.04
C CYS A 93 -10.75 10.78 12.27
N ASP A 94 -11.64 11.70 12.67
CA ASP A 94 -11.27 12.61 13.73
C ASP A 94 -11.38 12.01 15.09
N LYS A 95 -12.34 11.14 15.32
CA LYS A 95 -12.33 10.54 16.63
C LYS A 95 -11.50 9.26 16.72
N LEU A 96 -11.57 8.33 15.77
CA LEU A 96 -10.93 7.04 15.97
C LEU A 96 -9.56 6.88 15.39
N ARG A 97 -9.14 7.76 14.48
CA ARG A 97 -7.83 7.72 13.84
C ARG A 97 -7.57 6.41 13.11
N VAL A 98 -8.59 5.91 12.39
CA VAL A 98 -8.46 4.67 11.69
C VAL A 98 -7.63 4.96 10.46
N ASP A 99 -6.53 4.22 10.38
CA ASP A 99 -5.57 4.32 9.31
C ASP A 99 -6.26 3.91 8.02
N PRO A 100 -6.17 4.67 6.93
CA PRO A 100 -6.76 4.37 5.64
C PRO A 100 -6.61 2.95 5.10
N VAL A 101 -5.47 2.30 5.29
CA VAL A 101 -5.21 0.98 4.74
C VAL A 101 -6.12 -0.03 5.38
N ASN A 102 -6.60 0.19 6.62
CA ASN A 102 -7.44 -0.77 7.31
C ASN A 102 -8.79 -0.86 6.66
N PHE A 103 -9.27 0.21 6.02
CA PHE A 103 -10.51 0.19 5.27
C PHE A 103 -10.35 -0.80 4.12
N LYS A 104 -9.19 -0.79 3.47
CA LYS A 104 -8.92 -1.69 2.37
C LYS A 104 -8.78 -3.13 2.88
N LEU A 105 -8.21 -3.33 4.08
CA LEU A 105 -8.12 -4.68 4.62
C LEU A 105 -9.48 -5.28 5.00
N LEU A 106 -10.35 -4.45 5.59
CA LEU A 106 -11.72 -4.80 5.89
C LEU A 106 -12.42 -5.13 4.58
N SER A 107 -12.40 -4.29 3.53
CA SER A 107 -12.88 -4.63 2.18
C SER A 107 -12.45 -6.03 1.77
N HIS A 108 -11.15 -6.31 1.94
CA HIS A 108 -10.64 -7.62 1.60
C HIS A 108 -11.21 -8.73 2.44
N CYS A 109 -11.37 -8.52 3.73
CA CYS A 109 -11.96 -9.56 4.55
C CYS A 109 -13.44 -9.69 4.20
N LEU A 110 -14.20 -8.67 3.78
CA LEU A 110 -15.58 -8.83 3.32
C LEU A 110 -15.67 -9.66 2.01
N LEU A 111 -14.84 -9.43 0.97
CA LEU A 111 -14.90 -10.20 -0.25
C LEU A 111 -14.51 -11.64 -0.01
N VAL A 112 -13.52 -12.00 0.79
CA VAL A 112 -13.25 -13.40 1.08
C VAL A 112 -14.47 -14.08 1.75
N THR A 113 -15.19 -13.34 2.65
CA THR A 113 -16.33 -13.86 3.37
C THR A 113 -17.50 -14.01 2.42
N LEU A 114 -17.79 -13.08 1.49
CA LEU A 114 -18.87 -13.25 0.54
C LEU A 114 -18.51 -14.41 -0.36
N ALA A 115 -17.27 -14.59 -0.82
CA ALA A 115 -16.93 -15.74 -1.64
C ALA A 115 -17.14 -17.11 -0.96
N ALA A 116 -16.79 -17.27 0.31
CA ALA A 116 -17.02 -18.50 1.02
C ALA A 116 -18.51 -18.72 1.21
N HIS A 117 -19.32 -17.67 1.25
CA HIS A 117 -20.74 -17.83 1.55
C HIS A 117 -21.65 -17.97 0.36
N LEU A 118 -21.31 -17.33 -0.73
CA LEU A 118 -22.13 -17.34 -1.92
C LEU A 118 -21.26 -17.78 -3.09
N PRO A 119 -20.58 -18.93 -3.10
CA PRO A 119 -19.53 -19.30 -4.05
C PRO A 119 -20.03 -19.23 -5.48
N ALA A 120 -21.28 -19.66 -5.72
CA ALA A 120 -21.80 -19.65 -7.06
C ALA A 120 -22.06 -18.29 -7.69
N GLU A 121 -22.37 -17.40 -6.78
CA GLU A 121 -22.80 -16.06 -7.16
C GLU A 121 -21.61 -15.12 -7.22
N PHE A 122 -20.52 -15.40 -6.50
CA PHE A 122 -19.39 -14.51 -6.41
C PHE A 122 -18.47 -14.74 -7.60
N THR A 123 -18.94 -14.36 -8.77
CA THR A 123 -18.20 -14.46 -10.03
C THR A 123 -17.11 -13.39 -10.15
N PRO A 124 -16.09 -13.56 -11.03
CA PRO A 124 -15.08 -12.53 -11.28
C PRO A 124 -15.70 -11.15 -11.55
N ALA A 125 -16.83 -11.06 -12.24
CA ALA A 125 -17.42 -9.73 -12.48
C ALA A 125 -18.19 -9.11 -11.32
N VAL A 126 -18.81 -9.92 -10.45
CA VAL A 126 -19.49 -9.38 -9.28
C VAL A 126 -18.38 -8.99 -8.32
N HIS A 127 -17.29 -9.74 -8.31
CA HIS A 127 -16.12 -9.43 -7.49
C HIS A 127 -15.60 -8.08 -7.93
N ALA A 128 -15.48 -7.85 -9.23
CA ALA A 128 -14.90 -6.60 -9.74
C ALA A 128 -15.76 -5.41 -9.41
N SER A 129 -17.08 -5.55 -9.56
CA SER A 129 -18.05 -4.53 -9.24
C SER A 129 -18.08 -4.24 -7.75
N LEU A 130 -18.03 -5.24 -6.87
CA LEU A 130 -18.08 -4.93 -5.46
C LEU A 130 -16.79 -4.31 -5.00
N ASP A 131 -15.71 -4.73 -5.63
CA ASP A 131 -14.44 -4.15 -5.32
C ASP A 131 -14.45 -2.64 -5.59
N LYS A 132 -15.01 -2.07 -6.68
CA LYS A 132 -15.00 -0.61 -6.79
C LYS A 132 -16.07 0.15 -6.01
N VAL A 133 -17.14 -0.52 -5.53
CA VAL A 133 -18.14 0.07 -4.65
C VAL A 133 -17.39 0.20 -3.34
N LEU A 134 -16.80 -0.91 -2.83
CA LEU A 134 -16.06 -0.91 -1.59
C LEU A 134 -14.92 0.09 -1.67
N ALA A 135 -14.30 0.29 -2.84
CA ALA A 135 -13.21 1.24 -2.93
C ALA A 135 -13.73 2.63 -2.72
N SER A 136 -14.85 2.99 -3.31
CA SER A 136 -15.37 4.34 -3.18
C SER A 136 -15.93 4.60 -1.80
N VAL A 137 -16.49 3.61 -1.13
CA VAL A 137 -17.00 3.78 0.24
C VAL A 137 -15.79 4.03 1.11
N SER A 138 -14.67 3.38 0.87
CA SER A 138 -13.48 3.64 1.65
C SER A 138 -12.90 5.01 1.30
N THR A 139 -12.94 5.52 0.07
CA THR A 139 -12.52 6.87 -0.20
C THR A 139 -13.34 7.87 0.63
N VAL A 140 -14.65 7.67 0.69
CA VAL A 140 -15.49 8.59 1.43
C VAL A 140 -15.20 8.50 2.90
N LEU A 141 -14.89 7.34 3.49
CA LEU A 141 -14.66 7.30 4.93
C LEU A 141 -13.34 7.87 5.37
N THR A 142 -12.38 8.09 4.48
CA THR A 142 -11.12 8.61 4.93
C THR A 142 -10.95 10.04 4.45
N SER A 143 -12.06 10.68 4.04
CA SER A 143 -12.01 12.00 3.46
C SER A 143 -11.68 13.11 4.46
N LYS A 144 -11.78 12.95 5.79
CA LYS A 144 -11.34 14.01 6.67
C LYS A 144 -9.83 14.12 6.65
N TYR A 145 -9.13 13.17 6.03
CA TYR A 145 -7.69 13.21 5.98
C TYR A 145 -7.16 13.99 4.81
N ARG A 146 -7.94 14.35 3.79
CA ARG A 146 -7.36 15.01 2.64
C ARG A 146 -7.99 16.35 2.41
N VAL B 1 -8.39 17.19 -0.51
CA VAL B 1 -7.69 18.44 -0.39
C VAL B 1 -8.72 19.31 0.29
N HIS B 2 -8.39 19.77 1.49
CA HIS B 2 -9.21 20.72 2.22
C HIS B 2 -8.18 21.69 2.75
N LEU B 3 -7.97 22.78 2.02
CA LEU B 3 -6.95 23.73 2.39
C LEU B 3 -7.58 25.01 2.91
N THR B 4 -7.03 25.52 4.01
CA THR B 4 -7.48 26.78 4.57
C THR B 4 -6.80 27.87 3.76
N PRO B 5 -7.22 29.14 3.80
CA PRO B 5 -6.51 30.26 3.19
C PRO B 5 -5.02 30.30 3.54
N GLU B 6 -4.70 29.92 4.78
CA GLU B 6 -3.34 29.90 5.29
C GLU B 6 -2.52 28.80 4.63
N GLU B 7 -3.18 27.71 4.25
CA GLU B 7 -2.46 26.60 3.62
C GLU B 7 -2.23 26.90 2.16
N LYS B 8 -3.29 27.40 1.48
CA LYS B 8 -3.20 27.76 0.10
C LYS B 8 -2.09 28.75 -0.11
N SER B 9 -1.96 29.76 0.76
CA SER B 9 -0.95 30.81 0.63
C SER B 9 0.47 30.33 0.80
N ALA B 10 0.67 29.50 1.84
CA ALA B 10 1.94 28.83 2.09
C ALA B 10 2.32 27.87 0.98
N VAL B 11 1.43 27.08 0.33
CA VAL B 11 1.87 26.25 -0.78
C VAL B 11 2.12 27.15 -1.98
N THR B 12 1.29 28.16 -2.20
CA THR B 12 1.45 29.13 -3.27
C THR B 12 2.83 29.76 -3.23
N ALA B 13 3.23 30.29 -2.07
CA ALA B 13 4.52 30.94 -1.87
C ALA B 13 5.67 30.00 -2.20
N LEU B 14 5.61 28.78 -1.64
CA LEU B 14 6.59 27.73 -1.87
C LEU B 14 6.76 27.48 -3.36
N TRP B 15 5.64 27.24 -4.02
CA TRP B 15 5.63 26.89 -5.42
C TRP B 15 6.17 28.00 -6.29
N GLY B 16 5.97 29.25 -5.90
CA GLY B 16 6.50 30.38 -6.63
C GLY B 16 8.01 30.35 -6.73
N LYS B 17 8.71 29.72 -5.79
CA LYS B 17 10.15 29.64 -5.86
C LYS B 17 10.63 28.40 -6.58
N VAL B 18 9.74 27.52 -7.06
CA VAL B 18 10.16 26.28 -7.67
C VAL B 18 10.57 26.46 -9.13
N ASN B 19 11.82 26.04 -9.42
CA ASN B 19 12.35 25.99 -10.77
C ASN B 19 11.76 24.76 -11.48
N VAL B 20 10.71 24.90 -12.27
CA VAL B 20 10.05 23.75 -12.85
C VAL B 20 10.90 22.92 -13.81
N ASP B 21 11.87 23.55 -14.46
CA ASP B 21 12.76 22.81 -15.36
C ASP B 21 13.52 21.79 -14.53
N GLU B 22 14.30 22.28 -13.54
CA GLU B 22 15.11 21.37 -12.76
C GLU B 22 14.36 20.50 -11.73
N VAL B 23 13.19 20.85 -11.16
CA VAL B 23 12.57 19.99 -10.17
C VAL B 23 11.83 18.82 -10.80
N GLY B 24 11.10 19.04 -11.90
CA GLY B 24 10.40 17.96 -12.59
C GLY B 24 11.32 16.83 -13.08
N GLY B 25 12.41 17.11 -13.81
CA GLY B 25 13.32 16.06 -14.24
C GLY B 25 13.99 15.32 -13.09
N GLU B 26 14.20 16.01 -11.98
CA GLU B 26 14.86 15.35 -10.86
C GLU B 26 13.84 14.46 -10.16
N ALA B 27 12.59 14.92 -10.03
CA ALA B 27 11.54 14.13 -9.43
C ALA B 27 11.30 12.89 -10.27
N LEU B 28 11.09 12.97 -11.59
CA LEU B 28 10.87 11.81 -12.45
C LEU B 28 12.11 10.95 -12.46
N GLY B 29 13.33 11.52 -12.42
CA GLY B 29 14.54 10.72 -12.38
C GLY B 29 14.74 9.88 -11.11
N ARG B 30 14.41 10.46 -9.95
CA ARG B 30 14.42 9.73 -8.70
C ARG B 30 13.41 8.56 -8.75
N LEU B 31 12.17 8.67 -9.29
CA LEU B 31 11.24 7.55 -9.42
C LEU B 31 11.86 6.40 -10.22
N LEU B 32 12.53 6.65 -11.34
CA LEU B 32 13.05 5.56 -12.16
C LEU B 32 14.23 4.95 -11.49
N VAL B 33 15.09 5.73 -10.82
CA VAL B 33 16.26 5.21 -10.13
C VAL B 33 15.87 4.42 -8.90
N VAL B 34 15.07 5.00 -8.01
CA VAL B 34 14.71 4.41 -6.73
C VAL B 34 13.70 3.29 -6.89
N TYR B 35 12.70 3.47 -7.76
CA TYR B 35 11.67 2.47 -7.90
C TYR B 35 11.78 1.86 -9.29
N PRO B 36 12.78 1.01 -9.55
CA PRO B 36 13.27 0.68 -10.88
C PRO B 36 12.24 0.00 -11.77
N TRP B 37 11.17 -0.58 -11.21
CA TRP B 37 10.13 -1.20 -11.99
C TRP B 37 9.38 -0.16 -12.81
N THR B 38 9.46 1.13 -12.47
CA THR B 38 8.72 2.17 -13.20
C THR B 38 9.33 2.37 -14.57
N GLN B 39 10.57 1.89 -14.76
CA GLN B 39 11.27 2.01 -16.02
C GLN B 39 10.52 1.32 -17.15
N ARG B 40 9.76 0.25 -16.90
CA ARG B 40 8.94 -0.38 -17.94
C ARG B 40 7.97 0.59 -18.62
N PHE B 41 7.59 1.72 -18.02
CA PHE B 41 6.69 2.65 -18.70
C PHE B 41 7.43 3.60 -19.62
N PHE B 42 8.76 3.66 -19.52
CA PHE B 42 9.51 4.70 -20.18
C PHE B 42 10.67 4.15 -20.94
N GLU B 43 10.65 2.87 -21.32
CA GLU B 43 11.73 2.29 -22.13
C GLU B 43 11.89 2.97 -23.51
N SER B 44 10.81 3.47 -24.14
CA SER B 44 10.93 4.22 -25.38
C SER B 44 11.94 5.36 -25.22
N PHE B 45 12.07 5.92 -24.01
CA PHE B 45 13.00 7.00 -23.72
C PHE B 45 14.47 6.68 -23.88
N GLY B 46 14.86 5.41 -23.91
CA GLY B 46 16.26 5.12 -24.09
C GLY B 46 16.93 4.39 -22.95
N ASP B 47 18.18 4.77 -22.75
CA ASP B 47 18.99 4.10 -21.78
C ASP B 47 18.70 4.69 -20.43
N LEU B 48 18.25 3.80 -19.57
CA LEU B 48 17.94 4.18 -18.21
C LEU B 48 18.73 3.19 -17.34
N SER B 49 19.84 2.60 -17.81
CA SER B 49 20.52 1.54 -17.05
C SER B 49 21.29 1.88 -15.79
N THR B 50 21.55 3.16 -15.54
CA THR B 50 22.29 3.56 -14.35
C THR B 50 21.60 4.84 -13.86
N PRO B 51 21.83 5.36 -12.66
CA PRO B 51 21.47 6.71 -12.26
C PRO B 51 21.94 7.77 -13.25
N ASP B 52 23.20 7.63 -13.71
CA ASP B 52 23.87 8.57 -14.59
C ASP B 52 23.07 8.65 -15.89
N ALA B 53 22.85 7.45 -16.49
CA ALA B 53 21.93 7.27 -17.59
C ALA B 53 20.54 7.90 -17.40
N VAL B 54 19.83 7.63 -16.29
CA VAL B 54 18.52 8.22 -16.09
C VAL B 54 18.56 9.73 -16.02
N MET B 55 19.40 10.28 -15.14
CA MET B 55 19.47 11.72 -14.89
C MET B 55 19.99 12.55 -16.07
N GLY B 56 20.79 11.90 -16.93
CA GLY B 56 21.27 12.55 -18.13
C GLY B 56 20.27 12.52 -19.27
N ASN B 57 19.27 11.63 -19.19
CA ASN B 57 18.34 11.44 -20.25
C ASN B 57 17.43 12.62 -20.47
N PRO B 58 17.50 13.25 -21.65
CA PRO B 58 16.77 14.47 -21.92
C PRO B 58 15.31 14.20 -22.11
N LYS B 59 14.96 12.99 -22.50
CA LYS B 59 13.56 12.65 -22.61
C LYS B 59 12.98 12.67 -21.21
N VAL B 60 13.75 12.21 -20.22
CA VAL B 60 13.36 12.23 -18.82
C VAL B 60 13.22 13.68 -18.37
N LYS B 61 14.24 14.45 -18.62
CA LYS B 61 14.25 15.85 -18.25
C LYS B 61 13.06 16.61 -18.82
N ALA B 62 12.79 16.41 -20.10
CA ALA B 62 11.72 17.10 -20.75
C ALA B 62 10.35 16.63 -20.27
N HIS B 63 10.15 15.34 -20.10
CA HIS B 63 8.88 14.81 -19.67
C HIS B 63 8.53 15.28 -18.26
N GLY B 64 9.55 15.29 -17.38
CA GLY B 64 9.41 15.70 -16.02
C GLY B 64 8.94 17.12 -16.02
N LYS B 65 9.43 17.91 -16.97
CA LYS B 65 9.02 19.29 -17.01
C LYS B 65 7.58 19.34 -17.47
N LYS B 66 7.13 18.46 -18.36
CA LYS B 66 5.72 18.35 -18.73
C LYS B 66 4.81 17.98 -17.52
N VAL B 67 5.22 17.06 -16.65
CA VAL B 67 4.50 16.65 -15.45
C VAL B 67 4.27 17.83 -14.51
N LEU B 68 5.32 18.55 -14.13
CA LEU B 68 5.16 19.64 -13.19
C LEU B 68 4.29 20.75 -13.68
N GLY B 69 4.36 20.98 -14.98
CA GLY B 69 3.47 21.93 -15.61
C GLY B 69 2.03 21.59 -15.31
N ALA B 70 1.63 20.37 -15.68
CA ALA B 70 0.29 19.87 -15.41
C ALA B 70 -0.11 20.04 -13.93
N PHE B 71 0.85 19.72 -13.06
CA PHE B 71 0.65 19.90 -11.65
C PHE B 71 0.46 21.39 -11.28
N SER B 72 1.19 22.36 -11.80
CA SER B 72 0.99 23.77 -11.45
C SER B 72 -0.37 24.22 -11.91
N ASP B 73 -0.78 23.70 -13.07
CA ASP B 73 -2.08 23.95 -13.60
C ASP B 73 -3.07 23.33 -12.65
N GLY B 74 -2.81 22.18 -12.04
CA GLY B 74 -3.70 21.64 -11.03
C GLY B 74 -3.84 22.62 -9.86
N LEU B 75 -2.69 23.14 -9.40
CA LEU B 75 -2.64 24.09 -8.27
C LEU B 75 -3.41 25.37 -8.55
N ALA B 76 -3.50 25.84 -9.80
CA ALA B 76 -4.28 27.06 -10.09
C ALA B 76 -5.78 26.79 -10.02
N HIS B 77 -6.23 25.54 -9.86
CA HIS B 77 -7.63 25.22 -9.95
C HIS B 77 -7.96 24.11 -8.99
N LEU B 78 -7.72 24.28 -7.68
CA LEU B 78 -8.05 23.21 -6.72
C LEU B 78 -9.51 22.77 -6.67
N ASP B 79 -10.29 23.82 -6.88
CA ASP B 79 -11.73 23.80 -6.97
C ASP B 79 -12.28 22.99 -8.16
N ASN B 80 -11.42 22.59 -9.12
CA ASN B 80 -11.86 21.81 -10.27
C ASN B 80 -10.74 20.86 -10.73
N LEU B 81 -10.26 20.02 -9.80
CA LEU B 81 -9.21 19.09 -10.16
C LEU B 81 -9.68 18.06 -11.18
N LYS B 82 -10.92 17.61 -10.98
CA LYS B 82 -11.56 16.61 -11.83
C LYS B 82 -11.74 17.13 -13.26
N GLY B 83 -12.12 18.40 -13.43
CA GLY B 83 -12.26 19.00 -14.74
C GLY B 83 -10.89 19.11 -15.39
N THR B 84 -9.93 19.67 -14.66
CA THR B 84 -8.58 19.82 -15.17
C THR B 84 -7.88 18.52 -15.60
N PHE B 85 -8.01 17.41 -14.86
CA PHE B 85 -7.24 16.21 -15.18
C PHE B 85 -7.97 15.04 -15.85
N ALA B 86 -9.24 15.25 -16.19
CA ALA B 86 -10.09 14.26 -16.84
C ALA B 86 -9.43 13.60 -18.02
N THR B 87 -8.85 14.30 -18.99
CA THR B 87 -8.19 13.61 -20.09
C THR B 87 -6.93 12.85 -19.69
N LEU B 88 -6.21 13.32 -18.65
CA LEU B 88 -5.02 12.61 -18.25
C LEU B 88 -5.45 11.36 -17.54
N SER B 89 -6.65 11.32 -16.93
CA SER B 89 -7.22 10.12 -16.33
C SER B 89 -7.37 9.05 -17.40
N GLU B 90 -7.76 9.36 -18.64
CA GLU B 90 -7.98 8.32 -19.63
C GLU B 90 -6.71 7.83 -20.27
N LEU B 91 -5.73 8.73 -20.41
CA LEU B 91 -4.44 8.38 -20.99
C LEU B 91 -3.76 7.40 -20.02
N HIS B 92 -3.60 7.81 -18.77
CA HIS B 92 -2.88 7.00 -17.78
C HIS B 92 -3.58 5.70 -17.48
N CYS B 93 -4.89 5.73 -17.30
CA CYS B 93 -5.67 4.55 -17.02
C CYS B 93 -5.96 3.71 -18.26
N ASP B 94 -6.71 4.22 -19.24
CA ASP B 94 -7.13 3.35 -20.33
C ASP B 94 -6.05 3.12 -21.34
N LYS B 95 -5.23 4.10 -21.62
CA LYS B 95 -4.18 3.79 -22.55
C LYS B 95 -2.91 3.25 -21.88
N LEU B 96 -2.42 3.83 -20.78
CA LEU B 96 -1.12 3.43 -20.28
C LEU B 96 -1.10 2.39 -19.19
N ARG B 97 -2.23 2.12 -18.56
CA ARG B 97 -2.35 1.13 -17.49
C ARG B 97 -1.40 1.39 -16.32
N VAL B 98 -1.30 2.66 -15.93
CA VAL B 98 -0.41 3.02 -14.86
C VAL B 98 -1.09 2.60 -13.57
N ASP B 99 -0.37 1.77 -12.85
CA ASP B 99 -0.81 1.20 -11.59
C ASP B 99 -0.96 2.35 -10.61
N PRO B 100 -2.08 2.47 -9.88
CA PRO B 100 -2.34 3.50 -8.89
C PRO B 100 -1.23 3.82 -7.90
N VAL B 101 -0.48 2.83 -7.42
CA VAL B 101 0.54 3.05 -6.40
C VAL B 101 1.66 3.88 -6.95
N ASN B 102 1.90 3.87 -8.28
CA ASN B 102 2.99 4.62 -8.88
C ASN B 102 2.74 6.10 -8.80
N PHE B 103 1.47 6.53 -8.79
CA PHE B 103 1.13 7.93 -8.60
C PHE B 103 1.61 8.35 -7.22
N LYS B 104 1.43 7.49 -6.23
CA LYS B 104 1.85 7.78 -4.88
C LYS B 104 3.38 7.78 -4.78
N LEU B 105 4.06 6.91 -5.53
CA LEU B 105 5.52 6.91 -5.51
C LEU B 105 6.13 8.16 -6.17
N LEU B 106 5.53 8.61 -7.28
CA LEU B 106 5.87 9.85 -7.94
C LEU B 106 5.64 11.00 -6.97
N SER B 107 4.47 11.14 -6.33
CA SER B 107 4.23 12.10 -5.24
C SER B 107 5.39 12.11 -4.24
N HIS B 108 5.80 10.93 -3.81
CA HIS B 108 6.90 10.82 -2.89
C HIS B 108 8.22 11.32 -3.46
N CYS B 109 8.51 10.99 -4.70
CA CYS B 109 9.73 11.47 -5.29
C CYS B 109 9.63 12.97 -5.51
N LEU B 110 8.48 13.61 -5.77
CA LEU B 110 8.35 15.07 -5.84
C LEU B 110 8.61 15.75 -4.47
N LEU B 111 8.06 15.27 -3.34
CA LEU B 111 8.29 15.89 -2.05
C LEU B 111 9.74 15.74 -1.63
N VAL B 112 10.45 14.63 -1.81
CA VAL B 112 11.86 14.57 -1.51
C VAL B 112 12.66 15.62 -2.32
N THR B 113 12.28 15.84 -3.61
CA THR B 113 12.96 16.76 -4.50
C THR B 113 12.66 18.18 -4.07
N LEU B 114 11.43 18.56 -3.69
CA LEU B 114 11.15 19.91 -3.22
C LEU B 114 11.89 20.10 -1.92
N ALA B 115 11.97 19.15 -0.99
CA ALA B 115 12.73 19.33 0.23
C ALA B 115 14.25 19.58 0.01
N ALA B 116 14.89 18.86 -0.90
CA ALA B 116 16.28 19.10 -1.19
C ALA B 116 16.47 20.46 -1.84
N HIS B 117 15.46 20.99 -2.54
CA HIS B 117 15.63 22.23 -3.29
C HIS B 117 15.24 23.48 -2.56
N LEU B 118 14.25 23.40 -1.70
CA LEU B 118 13.75 24.54 -0.97
C LEU B 118 13.76 24.21 0.51
N PRO B 119 14.87 23.83 1.16
CA PRO B 119 14.91 23.24 2.50
C PRO B 119 14.27 24.16 3.52
N ALA B 120 14.49 25.47 3.40
CA ALA B 120 13.93 26.39 4.37
C ALA B 120 12.43 26.57 4.35
N GLU B 121 11.92 26.37 3.15
CA GLU B 121 10.52 26.62 2.88
C GLU B 121 9.70 25.35 3.06
N PHE B 122 10.31 24.17 2.94
CA PHE B 122 9.61 22.91 3.00
C PHE B 122 9.43 22.50 4.46
N THR B 123 8.59 23.25 5.15
CA THR B 123 8.25 22.99 6.55
C THR B 123 7.29 21.81 6.74
N PRO B 124 7.17 21.19 7.93
CA PRO B 124 6.19 20.13 8.18
C PRO B 124 4.79 20.50 7.73
N ALA B 125 4.36 21.76 7.85
CA ALA B 125 3.01 22.12 7.41
C ALA B 125 2.83 22.33 5.90
N VAL B 126 3.87 22.77 5.19
CA VAL B 126 3.78 22.91 3.74
C VAL B 126 3.85 21.50 3.20
N HIS B 127 4.64 20.63 3.86
CA HIS B 127 4.73 19.23 3.48
C HIS B 127 3.35 18.61 3.61
N ALA B 128 2.64 18.87 4.71
CA ALA B 128 1.34 18.26 4.95
C ALA B 128 0.31 18.70 3.95
N SER B 129 0.29 19.99 3.63
CA SER B 129 -0.58 20.59 2.65
C SER B 129 -0.28 20.07 1.25
N LEU B 130 0.99 19.93 0.84
CA LEU B 130 1.23 19.46 -0.51
C LEU B 130 0.92 17.99 -0.61
N ASP B 131 1.14 17.29 0.47
CA ASP B 131 0.80 15.90 0.50
C ASP B 131 -0.69 15.69 0.22
N LYS B 132 -1.67 16.45 0.76
CA LYS B 132 -3.06 16.18 0.38
C LYS B 132 -3.53 16.75 -0.95
N VAL B 133 -2.80 17.72 -1.55
CA VAL B 133 -3.08 18.23 -2.89
C VAL B 133 -2.63 17.10 -3.78
N LEU B 134 -1.38 16.61 -3.63
CA LEU B 134 -0.86 15.52 -4.42
C LEU B 134 -1.74 14.28 -4.24
N ALA B 135 -2.32 14.04 -3.07
CA ALA B 135 -3.15 12.89 -2.89
C ALA B 135 -4.40 13.01 -3.73
N SER B 136 -5.03 14.18 -3.76
CA SER B 136 -6.25 14.34 -4.52
C SER B 136 -6.01 14.34 -6.02
N VAL B 137 -4.87 14.85 -6.49
CA VAL B 137 -4.54 14.83 -7.91
C VAL B 137 -4.36 13.38 -8.29
N SER B 138 -3.77 12.55 -7.44
CA SER B 138 -3.63 11.15 -7.75
C SER B 138 -4.99 10.46 -7.69
N THR B 139 -5.93 10.79 -6.80
CA THR B 139 -7.26 10.21 -6.86
C THR B 139 -7.92 10.50 -8.23
N VAL B 140 -7.80 11.73 -8.70
CA VAL B 140 -8.42 12.08 -9.96
C VAL B 140 -7.75 11.35 -11.10
N LEU B 141 -6.44 11.11 -11.09
CA LEU B 141 -5.83 10.43 -12.23
C LEU B 141 -6.10 8.95 -12.31
N THR B 142 -6.58 8.31 -11.26
CA THR B 142 -6.81 6.89 -11.34
C THR B 142 -8.30 6.61 -11.33
N SER B 143 -9.11 7.63 -11.61
CA SER B 143 -10.55 7.50 -11.52
C SER B 143 -11.16 6.66 -12.64
N LYS B 144 -10.51 6.35 -13.78
CA LYS B 144 -11.12 5.44 -14.73
C LYS B 144 -11.13 4.03 -14.15
N TYR B 145 -10.45 3.78 -13.04
CA TYR B 145 -10.41 2.47 -12.47
C TYR B 145 -11.55 2.19 -11.52
N ARG B 146 -12.32 3.17 -11.05
CA ARG B 146 -13.32 2.87 -10.06
C ARG B 146 -14.69 3.27 -10.55
N VAL C 1 18.01 -5.73 1.48
CA VAL C 1 19.26 -5.16 1.13
C VAL C 1 20.08 -6.12 0.28
N HIS C 2 20.46 -5.60 -0.89
CA HIS C 2 21.32 -6.21 -1.86
C HIS C 2 22.31 -5.10 -2.19
N LEU C 3 22.99 -4.70 -1.12
CA LEU C 3 23.89 -3.56 -1.18
C LEU C 3 25.23 -4.01 -1.71
N THR C 4 25.60 -3.30 -2.77
CA THR C 4 26.92 -3.47 -3.32
C THR C 4 27.87 -2.73 -2.38
N PRO C 5 29.17 -3.02 -2.30
CA PRO C 5 30.17 -2.23 -1.58
C PRO C 5 29.97 -0.73 -1.70
N GLU C 6 29.83 -0.21 -2.93
CA GLU C 6 29.61 1.20 -3.18
C GLU C 6 28.38 1.75 -2.48
N GLU C 7 27.24 1.03 -2.60
CA GLU C 7 26.01 1.42 -1.94
C GLU C 7 26.16 1.47 -0.43
N LYS C 8 26.63 0.39 0.16
CA LYS C 8 26.83 0.29 1.59
C LYS C 8 27.77 1.41 2.04
N SER C 9 28.85 1.69 1.34
CA SER C 9 29.79 2.69 1.80
C SER C 9 29.29 4.12 1.62
N ALA C 10 28.42 4.32 0.64
CA ALA C 10 27.81 5.63 0.42
C ALA C 10 26.76 5.92 1.48
N VAL C 11 26.11 4.87 1.99
CA VAL C 11 25.12 5.00 3.05
C VAL C 11 25.92 5.27 4.30
N THR C 12 26.88 4.43 4.63
CA THR C 12 27.82 4.64 5.71
C THR C 12 28.40 6.05 5.71
N ALA C 13 28.80 6.55 4.55
CA ALA C 13 29.31 7.92 4.47
C ALA C 13 28.25 9.00 4.71
N LEU C 14 27.03 8.94 4.17
CA LEU C 14 26.09 10.02 4.41
C LEU C 14 25.67 10.01 5.85
N TRP C 15 25.54 8.82 6.42
CA TRP C 15 25.04 8.67 7.77
C TRP C 15 25.89 9.34 8.83
N GLY C 16 27.21 9.33 8.60
CA GLY C 16 28.14 10.06 9.44
C GLY C 16 27.92 11.59 9.46
N LYS C 17 27.17 12.20 8.58
CA LYS C 17 27.00 13.63 8.60
C LYS C 17 25.67 13.95 9.26
N VAL C 18 24.92 12.94 9.66
CA VAL C 18 23.58 13.17 10.12
C VAL C 18 23.66 13.65 11.55
N ASN C 19 22.94 14.73 11.84
CA ASN C 19 22.82 15.22 13.20
C ASN C 19 21.56 14.55 13.73
N VAL C 20 21.74 13.48 14.49
CA VAL C 20 20.65 12.69 15.06
C VAL C 20 19.58 13.41 15.85
N ASP C 21 20.02 14.42 16.61
CA ASP C 21 19.13 15.21 17.42
C ASP C 21 18.16 15.94 16.50
N GLU C 22 18.74 16.67 15.57
CA GLU C 22 17.99 17.48 14.63
C GLU C 22 17.11 16.66 13.69
N VAL C 23 17.63 15.56 13.13
CA VAL C 23 16.89 14.82 12.14
C VAL C 23 15.87 13.86 12.74
N GLY C 24 16.14 13.11 13.80
CA GLY C 24 15.15 12.18 14.35
C GLY C 24 13.86 12.86 14.80
N GLY C 25 13.96 14.07 15.34
CA GLY C 25 12.81 14.72 15.85
C GLY C 25 11.94 15.24 14.75
N GLU C 26 12.56 15.84 13.72
CA GLU C 26 11.81 16.40 12.60
C GLU C 26 11.14 15.25 11.84
N ALA C 27 11.81 14.11 11.62
CA ALA C 27 11.30 12.93 10.93
C ALA C 27 10.05 12.46 11.65
N LEU C 28 10.11 12.18 12.95
CA LEU C 28 8.91 11.76 13.64
C LEU C 28 7.87 12.87 13.66
N GLY C 29 8.29 14.13 13.73
CA GLY C 29 7.37 15.24 13.73
C GLY C 29 6.61 15.31 12.43
N ARG C 30 7.26 15.16 11.27
CA ARG C 30 6.56 15.15 9.97
C ARG C 30 5.60 13.96 9.89
N LEU C 31 5.86 12.80 10.52
CA LEU C 31 4.93 11.68 10.47
C LEU C 31 3.58 12.08 11.07
N LEU C 32 3.71 12.67 12.26
CA LEU C 32 2.57 13.06 13.07
C LEU C 32 1.83 14.22 12.42
N VAL C 33 2.50 15.21 11.81
CA VAL C 33 1.78 16.31 11.16
C VAL C 33 1.16 15.84 9.85
N VAL C 34 1.86 15.05 9.03
CA VAL C 34 1.42 14.71 7.69
C VAL C 34 0.45 13.56 7.72
N TYR C 35 0.65 12.56 8.59
CA TYR C 35 -0.23 11.44 8.61
C TYR C 35 -0.80 11.42 10.02
N PRO C 36 -1.89 12.14 10.31
CA PRO C 36 -2.34 12.46 11.65
C PRO C 36 -2.81 11.24 12.43
N TRP C 37 -3.33 10.23 11.74
CA TRP C 37 -3.75 9.01 12.37
C TRP C 37 -2.65 8.36 13.20
N THR C 38 -1.37 8.63 12.91
CA THR C 38 -0.29 8.02 13.66
C THR C 38 -0.25 8.60 15.07
N GLN C 39 -0.84 9.78 15.30
CA GLN C 39 -0.86 10.40 16.62
C GLN C 39 -1.47 9.51 17.68
N ARG C 40 -2.37 8.60 17.29
CA ARG C 40 -2.97 7.68 18.24
C ARG C 40 -1.86 6.87 18.90
N PHE C 41 -0.72 6.60 18.32
CA PHE C 41 0.31 5.83 19.01
C PHE C 41 1.07 6.63 20.06
N PHE C 42 1.02 7.96 19.96
CA PHE C 42 1.85 8.75 20.84
C PHE C 42 1.01 9.72 21.64
N GLU C 43 -0.22 9.34 21.99
CA GLU C 43 -1.11 10.19 22.80
C GLU C 43 -0.50 10.61 24.13
N SER C 44 0.21 9.66 24.70
CA SER C 44 1.05 9.84 25.88
C SER C 44 1.87 11.15 25.90
N PHE C 45 2.34 11.61 24.73
CA PHE C 45 3.20 12.77 24.57
C PHE C 45 2.52 14.10 24.80
N GLY C 46 1.21 14.13 24.96
CA GLY C 46 0.59 15.38 25.28
C GLY C 46 0.18 16.15 24.05
N ASP C 47 0.56 17.43 23.87
CA ASP C 47 -0.07 18.21 22.81
C ASP C 47 0.55 18.01 21.44
N LEU C 48 -0.33 17.58 20.54
CA LEU C 48 0.09 17.33 19.18
C LEU C 48 -0.90 17.94 18.21
N SER C 49 -1.72 18.91 18.60
CA SER C 49 -2.73 19.45 17.69
C SER C 49 -2.30 20.40 16.60
N THR C 50 -1.13 21.05 16.71
CA THR C 50 -0.73 21.99 15.67
C THR C 50 0.66 21.56 15.23
N PRO C 51 1.13 21.85 14.00
CA PRO C 51 2.49 21.56 13.56
C PRO C 51 3.53 22.03 14.57
N ASP C 52 3.31 23.20 15.18
CA ASP C 52 4.31 23.77 16.10
C ASP C 52 4.28 23.02 17.40
N ALA C 53 3.06 22.58 17.71
CA ALA C 53 2.78 21.79 18.88
C ALA C 53 3.49 20.47 18.79
N VAL C 54 3.40 19.72 17.68
CA VAL C 54 4.08 18.43 17.69
C VAL C 54 5.57 18.69 17.45
N MET C 55 6.00 19.68 16.66
CA MET C 55 7.43 19.81 16.39
C MET C 55 8.38 20.14 17.51
N GLY C 56 7.94 21.06 18.37
CA GLY C 56 8.70 21.50 19.53
C GLY C 56 8.50 20.62 20.75
N ASN C 57 7.42 19.82 20.78
CA ASN C 57 7.11 18.91 21.89
C ASN C 57 8.34 18.05 22.17
N PRO C 58 8.78 18.00 23.42
CA PRO C 58 10.08 17.51 23.81
C PRO C 58 10.05 16.02 23.84
N LYS C 59 8.87 15.42 23.98
CA LYS C 59 8.79 13.96 23.98
C LYS C 59 9.02 13.50 22.55
N VAL C 60 8.41 14.19 21.56
CA VAL C 60 8.65 13.93 20.14
C VAL C 60 10.16 13.94 19.90
N LYS C 61 10.85 15.03 20.22
CA LYS C 61 12.28 15.10 19.98
C LYS C 61 13.07 14.00 20.67
N ALA C 62 12.70 13.66 21.88
CA ALA C 62 13.44 12.63 22.60
C ALA C 62 13.31 11.30 21.93
N HIS C 63 12.08 11.00 21.56
CA HIS C 63 11.78 9.74 20.98
C HIS C 63 12.48 9.64 19.63
N GLY C 64 12.47 10.79 18.93
CA GLY C 64 13.06 10.88 17.63
C GLY C 64 14.51 10.46 17.69
N LYS C 65 15.24 10.89 18.70
CA LYS C 65 16.62 10.54 18.85
C LYS C 65 16.79 9.07 19.12
N LYS C 66 15.88 8.47 19.89
CA LYS C 66 15.92 7.05 20.20
C LYS C 66 15.69 6.19 18.96
N VAL C 67 14.72 6.56 18.11
CA VAL C 67 14.45 5.88 16.84
C VAL C 67 15.70 5.94 15.97
N LEU C 68 16.33 7.08 15.78
CA LEU C 68 17.55 7.13 14.96
C LEU C 68 18.74 6.41 15.53
N GLY C 69 18.95 6.44 16.84
CA GLY C 69 20.02 5.67 17.43
C GLY C 69 19.87 4.22 17.10
N ALA C 70 18.67 3.64 17.17
CA ALA C 70 18.44 2.23 16.85
C ALA C 70 18.64 2.01 15.37
N PHE C 71 18.34 3.00 14.55
CA PHE C 71 18.65 2.90 13.15
C PHE C 71 20.16 2.91 12.91
N SER C 72 20.98 3.73 13.61
CA SER C 72 22.44 3.80 13.47
C SER C 72 23.08 2.46 13.75
N ASP C 73 22.58 1.86 14.82
CA ASP C 73 23.03 0.55 15.21
C ASP C 73 22.64 -0.49 14.14
N GLY C 74 21.43 -0.48 13.63
CA GLY C 74 21.03 -1.38 12.55
C GLY C 74 21.91 -1.21 11.33
N LEU C 75 22.27 0.02 10.98
CA LEU C 75 23.13 0.32 9.85
C LEU C 75 24.48 -0.37 10.02
N ALA C 76 25.06 -0.40 11.21
CA ALA C 76 26.33 -1.08 11.45
C ALA C 76 26.18 -2.59 11.63
N HIS C 77 25.07 -3.23 11.28
CA HIS C 77 24.88 -4.67 11.41
C HIS C 77 24.04 -5.01 10.20
N LEU C 78 24.42 -4.39 9.08
CA LEU C 78 23.68 -4.50 7.84
C LEU C 78 23.47 -5.95 7.39
N ASP C 79 24.51 -6.74 7.68
CA ASP C 79 24.58 -8.17 7.42
C ASP C 79 23.73 -9.00 8.39
N ASN C 80 23.38 -8.44 9.53
CA ASN C 80 22.62 -9.17 10.53
C ASN C 80 21.42 -8.33 10.99
N LEU C 81 20.68 -7.67 10.09
CA LEU C 81 19.55 -6.88 10.53
C LEU C 81 18.51 -7.63 11.31
N LYS C 82 18.20 -8.85 10.88
CA LYS C 82 17.19 -9.64 11.55
C LYS C 82 17.51 -9.80 13.03
N GLY C 83 18.79 -10.11 13.27
CA GLY C 83 19.25 -10.34 14.62
C GLY C 83 19.21 -9.07 15.46
N THR C 84 19.77 -7.96 14.94
CA THR C 84 19.76 -6.71 15.69
C THR C 84 18.37 -6.13 16.00
N PHE C 85 17.41 -6.02 15.08
CA PHE C 85 16.10 -5.47 15.40
C PHE C 85 15.09 -6.44 15.96
N ALA C 86 15.56 -7.62 16.41
CA ALA C 86 14.73 -8.70 16.96
C ALA C 86 13.89 -8.34 18.19
N THR C 87 14.41 -7.66 19.21
CA THR C 87 13.55 -7.35 20.34
C THR C 87 12.65 -6.17 19.95
N LEU C 88 13.11 -5.26 19.07
CA LEU C 88 12.23 -4.19 18.66
C LEU C 88 11.09 -4.73 17.81
N SER C 89 11.24 -5.84 17.08
CA SER C 89 10.11 -6.44 16.38
C SER C 89 9.01 -6.91 17.36
N GLU C 90 9.32 -7.52 18.51
CA GLU C 90 8.28 -7.97 19.43
C GLU C 90 7.55 -6.77 19.99
N LEU C 91 8.31 -5.73 20.34
CA LEU C 91 7.71 -4.54 20.90
C LEU C 91 6.74 -3.94 19.91
N HIS C 92 7.15 -3.67 18.67
CA HIS C 92 6.25 -3.01 17.75
C HIS C 92 5.13 -3.95 17.35
N CYS C 93 5.40 -5.22 17.03
CA CYS C 93 4.28 -6.08 16.62
C CYS C 93 3.37 -6.55 17.73
N ASP C 94 3.92 -7.23 18.73
CA ASP C 94 3.12 -7.83 19.77
C ASP C 94 2.63 -6.84 20.81
N LYS C 95 3.47 -5.91 21.26
CA LYS C 95 2.94 -5.04 22.27
C LYS C 95 2.30 -3.83 21.64
N LEU C 96 2.89 -3.18 20.66
CA LEU C 96 2.33 -1.89 20.28
C LEU C 96 1.30 -1.97 19.17
N ARG C 97 1.25 -3.07 18.40
CA ARG C 97 0.34 -3.21 17.27
C ARG C 97 0.48 -2.08 16.23
N VAL C 98 1.68 -1.86 15.75
CA VAL C 98 1.87 -0.79 14.80
C VAL C 98 1.60 -1.40 13.43
N ASP C 99 0.71 -0.78 12.70
CA ASP C 99 0.46 -1.17 11.33
C ASP C 99 1.76 -1.17 10.53
N PRO C 100 2.06 -2.25 9.77
CA PRO C 100 3.14 -2.32 8.81
C PRO C 100 3.24 -1.06 7.97
N VAL C 101 2.09 -0.50 7.55
CA VAL C 101 2.15 0.69 6.70
C VAL C 101 2.84 1.85 7.36
N ASN C 102 2.69 2.02 8.66
CA ASN C 102 3.27 3.18 9.30
C ASN C 102 4.78 3.19 9.26
N PHE C 103 5.40 2.01 9.05
CA PHE C 103 6.85 1.94 8.98
C PHE C 103 7.26 2.48 7.62
N LYS C 104 6.43 2.25 6.62
CA LYS C 104 6.71 2.78 5.30
C LYS C 104 6.53 4.31 5.33
N LEU C 105 5.54 4.82 6.03
CA LEU C 105 5.33 6.28 6.09
C LEU C 105 6.43 7.03 6.87
N LEU C 106 6.87 6.48 8.00
CA LEU C 106 8.02 6.99 8.74
C LEU C 106 9.24 6.96 7.87
N SER C 107 9.65 5.85 7.24
CA SER C 107 10.76 5.83 6.28
C SER C 107 10.62 6.94 5.28
N HIS C 108 9.42 7.21 4.76
CA HIS C 108 9.31 8.32 3.83
C HIS C 108 9.52 9.66 4.51
N CYS C 109 8.99 9.91 5.70
CA CYS C 109 9.17 11.18 6.36
C CYS C 109 10.64 11.38 6.60
N LEU C 110 11.42 10.33 6.91
CA LEU C 110 12.87 10.40 7.13
C LEU C 110 13.63 10.76 5.85
N LEU C 111 13.40 10.10 4.72
CA LEU C 111 14.04 10.45 3.48
C LEU C 111 13.80 11.94 3.20
N VAL C 112 12.57 12.46 3.33
CA VAL C 112 12.29 13.90 3.18
C VAL C 112 13.12 14.71 4.18
N THR C 113 13.31 14.39 5.46
CA THR C 113 14.03 15.37 6.29
C THR C 113 15.52 15.25 6.00
N LEU C 114 15.97 14.08 5.54
CA LEU C 114 17.36 13.86 5.17
C LEU C 114 17.66 14.68 3.92
N ALA C 115 16.79 14.69 2.90
CA ALA C 115 16.95 15.47 1.69
C ALA C 115 17.12 16.94 2.00
N ALA C 116 16.33 17.38 2.99
CA ALA C 116 16.34 18.77 3.42
C ALA C 116 17.56 19.18 4.21
N HIS C 117 18.13 18.23 4.95
CA HIS C 117 19.30 18.54 5.75
C HIS C 117 20.58 18.30 4.99
N LEU C 118 20.62 17.34 4.06
CA LEU C 118 21.84 17.03 3.34
C LEU C 118 21.60 17.12 1.84
N PRO C 119 21.04 18.19 1.24
CA PRO C 119 20.60 18.23 -0.15
C PRO C 119 21.68 17.87 -1.15
N ALA C 120 22.91 18.35 -0.89
CA ALA C 120 24.03 18.07 -1.77
C ALA C 120 24.44 16.62 -1.75
N GLU C 121 24.25 15.97 -0.60
CA GLU C 121 24.63 14.60 -0.45
C GLU C 121 23.54 13.64 -0.88
N PHE C 122 22.29 14.16 -0.92
CA PHE C 122 21.16 13.31 -1.19
C PHE C 122 20.83 13.19 -2.66
N THR C 123 21.75 12.47 -3.28
CA THR C 123 21.75 12.15 -4.69
C THR C 123 20.80 10.98 -5.01
N PRO C 124 20.18 10.81 -6.21
CA PRO C 124 19.21 9.73 -6.50
C PRO C 124 19.75 8.35 -6.17
N ALA C 125 21.05 8.14 -6.38
CA ALA C 125 21.69 6.87 -6.04
C ALA C 125 21.79 6.65 -4.53
N VAL C 126 22.07 7.65 -3.67
CA VAL C 126 22.14 7.33 -2.24
C VAL C 126 20.67 7.28 -1.78
N HIS C 127 19.75 8.07 -2.34
CA HIS C 127 18.34 7.96 -2.04
C HIS C 127 17.90 6.52 -2.34
N ALA C 128 18.32 5.91 -3.46
CA ALA C 128 17.96 4.53 -3.71
C ALA C 128 18.58 3.56 -2.72
N SER C 129 19.87 3.72 -2.35
CA SER C 129 20.51 2.83 -1.39
C SER C 129 19.83 2.94 -0.04
N LEU C 130 19.52 4.16 0.38
CA LEU C 130 18.88 4.39 1.66
C LEU C 130 17.46 3.85 1.68
N ASP C 131 16.76 3.94 0.54
CA ASP C 131 15.44 3.36 0.53
C ASP C 131 15.49 1.84 0.72
N LYS C 132 16.48 1.14 0.12
CA LYS C 132 16.61 -0.29 0.30
C LYS C 132 16.87 -0.66 1.75
N VAL C 133 17.74 0.05 2.46
CA VAL C 133 18.06 -0.23 3.87
C VAL C 133 16.82 -0.03 4.69
N LEU C 134 16.17 1.10 4.48
CA LEU C 134 14.91 1.39 5.12
C LEU C 134 13.84 0.34 4.90
N ALA C 135 13.72 -0.20 3.71
CA ALA C 135 12.77 -1.25 3.38
C ALA C 135 13.13 -2.54 4.07
N SER C 136 14.42 -2.85 4.22
CA SER C 136 14.84 -4.08 4.87
C SER C 136 14.57 -4.02 6.37
N VAL C 137 14.83 -2.86 6.97
CA VAL C 137 14.62 -2.66 8.41
C VAL C 137 13.11 -2.79 8.67
N SER C 138 12.29 -2.18 7.83
CA SER C 138 10.84 -2.34 7.86
C SER C 138 10.42 -3.80 7.71
N THR C 139 10.88 -4.62 6.76
CA THR C 139 10.42 -6.00 6.69
C THR C 139 10.83 -6.75 7.97
N VAL C 140 12.00 -6.45 8.56
CA VAL C 140 12.43 -7.06 9.81
C VAL C 140 11.56 -6.58 10.97
N LEU C 141 11.29 -5.30 11.21
CA LEU C 141 10.48 -4.88 12.35
C LEU C 141 9.05 -5.39 12.26
N THR C 142 8.64 -5.72 11.04
CA THR C 142 7.35 -6.32 10.76
C THR C 142 7.37 -7.86 10.76
N SER C 143 8.55 -8.51 10.92
CA SER C 143 8.69 -9.95 11.04
C SER C 143 7.62 -10.68 11.82
N LYS C 144 7.30 -10.22 13.02
CA LYS C 144 6.41 -10.93 13.93
C LYS C 144 4.92 -10.85 13.61
N TYR C 145 4.61 -10.59 12.35
CA TYR C 145 3.25 -10.55 11.84
C TYR C 145 3.13 -11.58 10.72
N ARG C 146 4.25 -12.22 10.36
CA ARG C 146 4.33 -13.07 9.21
C ARG C 146 5.32 -14.16 9.60
N VAL D 1 7.01 -15.97 7.45
CA VAL D 1 6.44 -17.12 8.04
C VAL D 1 7.04 -17.41 9.39
N HIS D 2 6.14 -17.48 10.37
CA HIS D 2 6.39 -17.83 11.75
C HIS D 2 5.31 -18.86 12.04
N LEU D 3 5.38 -19.91 11.24
CA LEU D 3 4.38 -20.97 11.25
C LEU D 3 4.68 -21.93 12.37
N THR D 4 3.63 -22.07 13.18
CA THR D 4 3.68 -23.08 14.22
C THR D 4 3.41 -24.41 13.51
N PRO D 5 3.79 -25.58 14.04
CA PRO D 5 3.42 -26.90 13.54
C PRO D 5 1.97 -26.98 13.07
N GLU D 6 1.02 -26.54 13.90
CA GLU D 6 -0.40 -26.56 13.56
C GLU D 6 -0.71 -25.75 12.31
N GLU D 7 -0.17 -24.52 12.22
CA GLU D 7 -0.36 -23.68 11.05
C GLU D 7 0.18 -24.31 9.79
N LYS D 8 1.43 -24.73 9.82
CA LYS D 8 2.09 -25.36 8.70
C LYS D 8 1.29 -26.60 8.29
N SER D 9 0.83 -27.43 9.21
CA SER D 9 0.15 -28.64 8.83
C SER D 9 -1.27 -28.41 8.33
N ALA D 10 -1.89 -27.33 8.77
CA ALA D 10 -3.22 -26.95 8.31
C ALA D 10 -3.14 -26.40 6.89
N VAL D 11 -2.03 -25.74 6.56
CA VAL D 11 -1.80 -25.22 5.23
C VAL D 11 -1.52 -26.41 4.35
N THR D 12 -0.55 -27.23 4.70
CA THR D 12 -0.27 -28.50 4.07
C THR D 12 -1.54 -29.32 3.83
N ALA D 13 -2.42 -29.41 4.81
CA ALA D 13 -3.67 -30.12 4.61
C ALA D 13 -4.64 -29.45 3.65
N LEU D 14 -4.89 -28.14 3.67
CA LEU D 14 -5.86 -27.57 2.74
C LEU D 14 -5.31 -27.65 1.34
N TRP D 15 -3.99 -27.47 1.20
CA TRP D 15 -3.38 -27.42 -0.11
C TRP D 15 -3.53 -28.69 -0.92
N GLY D 16 -3.53 -29.83 -0.22
CA GLY D 16 -3.81 -31.11 -0.83
C GLY D 16 -5.24 -31.24 -1.44
N LYS D 17 -6.19 -30.36 -1.17
CA LYS D 17 -7.51 -30.51 -1.73
C LYS D 17 -7.64 -29.55 -2.91
N VAL D 18 -6.60 -28.79 -3.20
CA VAL D 18 -6.72 -27.76 -4.18
C VAL D 18 -6.61 -28.40 -5.55
N ASN D 19 -7.54 -28.05 -6.43
CA ASN D 19 -7.48 -28.48 -7.81
C ASN D 19 -6.75 -27.35 -8.53
N VAL D 20 -5.45 -27.56 -8.75
CA VAL D 20 -4.59 -26.57 -9.40
C VAL D 20 -5.01 -25.99 -10.72
N ASP D 21 -5.62 -26.84 -11.55
CA ASP D 21 -6.11 -26.45 -12.85
C ASP D 21 -7.19 -25.40 -12.67
N GLU D 22 -8.18 -25.78 -11.89
CA GLU D 22 -9.34 -24.95 -11.64
C GLU D 22 -8.99 -23.66 -10.88
N VAL D 23 -8.17 -23.74 -9.84
CA VAL D 23 -7.92 -22.58 -9.00
C VAL D 23 -6.87 -21.64 -9.59
N GLY D 24 -5.75 -22.07 -10.16
CA GLY D 24 -4.75 -21.15 -10.70
C GLY D 24 -5.28 -20.25 -11.80
N GLY D 25 -6.19 -20.77 -12.63
CA GLY D 25 -6.67 -20.00 -13.73
C GLY D 25 -7.63 -18.94 -13.28
N GLU D 26 -8.54 -19.30 -12.36
CA GLU D 26 -9.53 -18.35 -11.87
C GLU D 26 -8.80 -17.25 -11.07
N ALA D 27 -7.80 -17.58 -10.25
CA ALA D 27 -7.01 -16.64 -9.46
C ALA D 27 -6.38 -15.63 -10.39
N LEU D 28 -5.61 -16.05 -11.40
CA LEU D 28 -5.04 -15.08 -12.32
C LEU D 28 -6.12 -14.36 -13.10
N GLY D 29 -7.23 -15.02 -13.42
CA GLY D 29 -8.32 -14.40 -14.14
C GLY D 29 -8.92 -13.27 -13.32
N ARG D 30 -9.20 -13.46 -12.02
CA ARG D 30 -9.72 -12.40 -11.17
C ARG D 30 -8.72 -11.24 -11.07
N LEU D 31 -7.40 -11.45 -11.12
CA LEU D 31 -6.44 -10.36 -11.06
C LEU D 31 -6.67 -9.38 -12.22
N LEU D 32 -6.76 -10.01 -13.40
CA LEU D 32 -6.88 -9.31 -14.65
C LEU D 32 -8.24 -8.65 -14.77
N VAL D 33 -9.34 -9.26 -14.30
CA VAL D 33 -10.67 -8.61 -14.39
C VAL D 33 -10.78 -7.51 -13.34
N VAL D 34 -10.31 -7.73 -12.10
CA VAL D 34 -10.54 -6.81 -10.99
C VAL D 34 -9.53 -5.69 -11.01
N TYR D 35 -8.27 -5.96 -11.34
CA TYR D 35 -7.28 -4.93 -11.33
C TYR D 35 -6.76 -4.85 -12.74
N PRO D 36 -7.39 -4.10 -13.65
CA PRO D 36 -7.19 -4.19 -15.09
C PRO D 36 -5.80 -3.76 -15.54
N TRP D 37 -5.17 -2.84 -14.80
CA TRP D 37 -3.83 -2.42 -15.11
C TRP D 37 -2.84 -3.58 -15.19
N THR D 38 -3.12 -4.72 -14.54
CA THR D 38 -2.21 -5.84 -14.58
C THR D 38 -2.19 -6.46 -15.97
N GLN D 39 -3.22 -6.23 -16.79
CA GLN D 39 -3.30 -6.77 -18.14
C GLN D 39 -2.11 -6.36 -18.98
N ARG D 40 -1.48 -5.22 -18.70
CA ARG D 40 -0.31 -4.80 -19.42
C ARG D 40 0.77 -5.87 -19.32
N PHE D 41 0.86 -6.69 -18.29
CA PHE D 41 1.91 -7.70 -18.24
C PHE D 41 1.62 -8.91 -19.13
N PHE D 42 0.36 -9.10 -19.50
CA PHE D 42 0.02 -10.31 -20.21
C PHE D 42 -0.62 -10.00 -21.53
N GLU D 43 -0.22 -8.90 -22.20
CA GLU D 43 -0.75 -8.52 -23.50
C GLU D 43 -0.59 -9.59 -24.55
N SER D 44 0.55 -10.25 -24.47
CA SER D 44 0.91 -11.44 -25.23
C SER D 44 -0.25 -12.48 -25.37
N PHE D 45 -1.09 -12.62 -24.33
CA PHE D 45 -2.16 -13.60 -24.25
C PHE D 45 -3.34 -13.31 -25.16
N GLY D 46 -3.38 -12.16 -25.80
CA GLY D 46 -4.47 -11.94 -26.72
C GLY D 46 -5.68 -11.32 -26.07
N ASP D 47 -6.90 -11.87 -26.20
CA ASP D 47 -8.06 -11.08 -25.78
C ASP D 47 -8.37 -11.18 -24.30
N LEU D 48 -8.38 -9.99 -23.70
CA LEU D 48 -8.63 -9.87 -22.30
C LEU D 48 -9.64 -8.77 -22.03
N SER D 49 -10.43 -8.34 -23.00
CA SER D 49 -11.35 -7.22 -22.78
C SER D 49 -12.61 -7.45 -21.99
N THR D 50 -13.10 -8.70 -21.86
CA THR D 50 -14.33 -8.91 -21.12
C THR D 50 -14.01 -9.97 -20.07
N PRO D 51 -14.72 -10.06 -18.92
CA PRO D 51 -14.53 -11.10 -17.93
C PRO D 51 -14.50 -12.49 -18.57
N ASP D 52 -15.35 -12.73 -19.57
CA ASP D 52 -15.47 -14.06 -20.18
C ASP D 52 -14.28 -14.31 -21.05
N ALA D 53 -13.84 -13.19 -21.64
CA ALA D 53 -12.68 -13.17 -22.49
C ALA D 53 -11.46 -13.51 -21.70
N VAL D 54 -11.20 -12.93 -20.54
CA VAL D 54 -9.96 -13.29 -19.86
C VAL D 54 -10.19 -14.65 -19.17
N MET D 55 -11.39 -14.98 -18.66
CA MET D 55 -11.51 -16.25 -17.92
C MET D 55 -11.31 -17.55 -18.65
N GLY D 56 -11.87 -17.62 -19.87
CA GLY D 56 -11.77 -18.79 -20.71
C GLY D 56 -10.51 -18.82 -21.55
N ASN D 57 -9.83 -17.66 -21.73
CA ASN D 57 -8.59 -17.56 -22.50
C ASN D 57 -7.62 -18.62 -22.00
N PRO D 58 -7.05 -19.42 -22.89
CA PRO D 58 -6.37 -20.66 -22.55
C PRO D 58 -4.98 -20.34 -22.10
N LYS D 59 -4.46 -19.16 -22.48
CA LYS D 59 -3.13 -18.80 -22.02
C LYS D 59 -3.23 -18.45 -20.55
N VAL D 60 -4.28 -17.70 -20.15
CA VAL D 60 -4.57 -17.41 -18.75
C VAL D 60 -4.56 -18.73 -17.97
N LYS D 61 -5.41 -19.68 -18.34
CA LYS D 61 -5.46 -20.95 -17.63
C LYS D 61 -4.14 -21.68 -17.55
N ALA D 62 -3.38 -21.66 -18.63
CA ALA D 62 -2.12 -22.37 -18.62
C ALA D 62 -1.15 -21.76 -17.66
N HIS D 63 -1.11 -20.45 -17.70
CA HIS D 63 -0.18 -19.73 -16.89
C HIS D 63 -0.56 -19.91 -15.44
N GLY D 64 -1.89 -19.90 -15.22
CA GLY D 64 -2.44 -20.03 -13.89
C GLY D 64 -1.92 -21.32 -13.26
N LYS D 65 -1.88 -22.41 -14.00
CA LYS D 65 -1.42 -23.66 -13.49
C LYS D 65 0.06 -23.61 -13.16
N LYS D 66 0.84 -22.90 -13.99
CA LYS D 66 2.27 -22.75 -13.76
C LYS D 66 2.57 -21.96 -12.49
N VAL D 67 1.85 -20.85 -12.25
CA VAL D 67 1.97 -20.06 -11.03
C VAL D 67 1.66 -20.93 -9.82
N LEU D 68 0.57 -21.69 -9.80
CA LEU D 68 0.30 -22.55 -8.65
C LEU D 68 1.27 -23.69 -8.45
N GLY D 69 1.75 -24.31 -9.51
CA GLY D 69 2.75 -25.35 -9.35
C GLY D 69 3.96 -24.80 -8.65
N ALA D 70 4.43 -23.60 -8.98
CA ALA D 70 5.59 -22.99 -8.31
C ALA D 70 5.24 -22.65 -6.89
N PHE D 71 3.99 -22.31 -6.62
CA PHE D 71 3.58 -22.12 -5.25
C PHE D 71 3.57 -23.44 -4.48
N SER D 72 3.14 -24.59 -5.05
CA SER D 72 3.12 -25.90 -4.39
C SER D 72 4.49 -26.32 -3.96
N ASP D 73 5.43 -26.09 -4.86
CA ASP D 73 6.82 -26.37 -4.59
C ASP D 73 7.34 -25.45 -3.47
N GLY D 74 7.05 -24.15 -3.50
CA GLY D 74 7.44 -23.25 -2.42
C GLY D 74 6.88 -23.71 -1.08
N LEU D 75 5.64 -24.18 -1.06
CA LEU D 75 4.99 -24.65 0.15
C LEU D 75 5.77 -25.81 0.74
N ALA D 76 6.29 -26.73 -0.06
CA ALA D 76 7.09 -27.85 0.44
C ALA D 76 8.55 -27.46 0.73
N HIS D 77 8.93 -26.20 0.83
CA HIS D 77 10.30 -25.77 1.12
C HIS D 77 10.08 -24.54 1.96
N LEU D 78 9.10 -24.64 2.87
CA LEU D 78 8.68 -23.52 3.69
C LEU D 78 9.83 -22.90 4.48
N ASP D 79 10.74 -23.79 4.88
CA ASP D 79 11.97 -23.47 5.61
C ASP D 79 13.05 -22.84 4.73
N ASN D 80 12.94 -23.00 3.43
CA ASN D 80 13.95 -22.49 2.52
C ASN D 80 13.28 -21.71 1.40
N LEU D 81 12.28 -20.86 1.68
CA LEU D 81 11.63 -20.12 0.59
C LEU D 81 12.56 -19.26 -0.22
N LYS D 82 13.50 -18.59 0.44
CA LYS D 82 14.42 -17.71 -0.26
C LYS D 82 15.15 -18.46 -1.36
N GLY D 83 15.61 -19.65 -0.99
CA GLY D 83 16.37 -20.48 -1.90
C GLY D 83 15.52 -20.96 -3.07
N THR D 84 14.34 -21.55 -2.78
CA THR D 84 13.47 -22.03 -3.84
C THR D 84 12.97 -20.97 -4.83
N PHE D 85 12.45 -19.81 -4.43
CA PHE D 85 11.97 -18.81 -5.39
C PHE D 85 13.03 -17.87 -5.93
N ALA D 86 14.31 -18.21 -5.75
CA ALA D 86 15.46 -17.41 -6.18
C ALA D 86 15.55 -17.09 -7.68
N THR D 87 15.34 -18.06 -8.60
CA THR D 87 15.43 -17.69 -9.99
C THR D 87 14.14 -16.98 -10.39
N LEU D 88 12.99 -17.30 -9.76
CA LEU D 88 11.79 -16.56 -10.09
C LEU D 88 11.90 -15.13 -9.61
N SER D 89 12.64 -14.80 -8.55
CA SER D 89 12.86 -13.41 -8.19
C SER D 89 13.59 -12.62 -9.29
N GLU D 90 14.61 -13.15 -9.96
CA GLU D 90 15.30 -12.41 -11.00
C GLU D 90 14.37 -12.16 -12.16
N LEU D 91 13.60 -13.18 -12.52
CA LEU D 91 12.68 -13.05 -13.62
C LEU D 91 11.68 -11.95 -13.34
N HIS D 92 10.98 -11.98 -12.21
CA HIS D 92 9.97 -10.98 -11.96
C HIS D 92 10.59 -9.63 -11.74
N CYS D 93 11.67 -9.51 -10.94
CA CYS D 93 12.23 -8.18 -10.71
C CYS D 93 13.02 -7.60 -11.87
N ASP D 94 14.07 -8.30 -12.29
CA ASP D 94 14.97 -7.77 -13.30
C ASP D 94 14.43 -7.88 -14.71
N LYS D 95 13.80 -8.97 -15.09
CA LYS D 95 13.35 -9.01 -16.45
C LYS D 95 11.95 -8.44 -16.56
N LEU D 96 11.01 -8.80 -15.70
CA LEU D 96 9.65 -8.42 -16.01
C LEU D 96 9.23 -7.08 -15.42
N ARG D 97 9.94 -6.57 -14.40
CA ARG D 97 9.57 -5.32 -13.73
C ARG D 97 8.14 -5.34 -13.15
N VAL D 98 7.83 -6.34 -12.36
CA VAL D 98 6.51 -6.42 -11.82
C VAL D 98 6.52 -5.61 -10.54
N ASP D 99 5.61 -4.66 -10.45
CA ASP D 99 5.42 -3.91 -9.23
C ASP D 99 5.21 -4.85 -8.05
N PRO D 100 5.92 -4.66 -6.92
CA PRO D 100 5.69 -5.32 -5.66
C PRO D 100 4.22 -5.39 -5.31
N VAL D 101 3.47 -4.32 -5.57
CA VAL D 101 2.06 -4.34 -5.20
C VAL D 101 1.27 -5.41 -5.89
N ASN D 102 1.61 -5.73 -7.14
CA ASN D 102 0.82 -6.73 -7.86
C ASN D 102 0.90 -8.11 -7.24
N PHE D 103 1.94 -8.37 -6.45
CA PHE D 103 2.08 -9.66 -5.81
C PHE D 103 1.09 -9.71 -4.66
N LYS D 104 0.85 -8.57 -4.03
CA LYS D 104 -0.11 -8.50 -2.96
C LYS D 104 -1.52 -8.66 -3.56
N LEU D 105 -1.78 -8.08 -4.72
CA LEU D 105 -3.12 -8.19 -5.32
C LEU D 105 -3.44 -9.62 -5.84
N LEU D 106 -2.48 -10.29 -6.46
CA LEU D 106 -2.58 -11.69 -6.84
C LEU D 106 -2.81 -12.53 -5.61
N SER D 107 -2.01 -12.48 -4.55
CA SER D 107 -2.29 -13.17 -3.28
C SER D 107 -3.70 -12.94 -2.85
N HIS D 108 -4.23 -11.73 -2.94
CA HIS D 108 -5.61 -11.55 -2.55
C HIS D 108 -6.57 -12.22 -3.51
N CYS D 109 -6.38 -12.19 -4.81
CA CYS D 109 -7.28 -12.82 -5.73
C CYS D 109 -7.28 -14.30 -5.45
N LEU D 110 -6.14 -14.91 -5.08
CA LEU D 110 -6.04 -16.32 -4.74
C LEU D 110 -6.79 -16.68 -3.47
N LEU D 111 -6.64 -15.97 -2.36
CA LEU D 111 -7.39 -16.22 -1.16
C LEU D 111 -8.88 -16.22 -1.51
N VAL D 112 -9.39 -15.22 -2.26
CA VAL D 112 -10.79 -15.21 -2.71
C VAL D 112 -11.11 -16.46 -3.53
N THR D 113 -10.32 -17.00 -4.46
CA THR D 113 -10.84 -18.12 -5.23
C THR D 113 -10.76 -19.38 -4.37
N LEU D 114 -9.82 -19.42 -3.42
CA LEU D 114 -9.68 -20.53 -2.49
C LEU D 114 -10.88 -20.57 -1.57
N ALA D 115 -11.34 -19.43 -1.02
CA ALA D 115 -12.51 -19.34 -0.18
C ALA D 115 -13.73 -19.90 -0.87
N ALA D 116 -13.82 -19.59 -2.17
CA ALA D 116 -14.93 -20.02 -2.99
C ALA D 116 -14.92 -21.48 -3.36
N HIS D 117 -13.72 -22.05 -3.47
CA HIS D 117 -13.63 -23.45 -3.81
C HIS D 117 -13.61 -24.34 -2.59
N LEU D 118 -13.09 -23.88 -1.45
CA LEU D 118 -13.00 -24.71 -0.27
C LEU D 118 -13.67 -24.02 0.91
N PRO D 119 -14.92 -23.51 0.85
CA PRO D 119 -15.52 -22.66 1.87
C PRO D 119 -15.49 -23.27 3.27
N ALA D 120 -15.76 -24.58 3.35
CA ALA D 120 -15.77 -25.27 4.64
C ALA D 120 -14.40 -25.37 5.24
N GLU D 121 -13.37 -25.43 4.40
CA GLU D 121 -12.03 -25.56 4.88
C GLU D 121 -11.38 -24.21 5.15
N PHE D 122 -11.96 -23.15 4.54
CA PHE D 122 -11.34 -21.84 4.62
C PHE D 122 -11.83 -21.04 5.81
N THR D 123 -11.33 -21.54 6.93
CA THR D 123 -11.58 -21.01 8.26
C THR D 123 -10.68 -19.79 8.56
N PRO D 124 -11.03 -18.79 9.42
CA PRO D 124 -10.22 -17.59 9.66
C PRO D 124 -8.79 -17.91 10.04
N ALA D 125 -8.58 -19.01 10.79
CA ALA D 125 -7.24 -19.45 11.15
C ALA D 125 -6.46 -19.98 9.95
N VAL D 126 -7.02 -20.73 8.98
CA VAL D 126 -6.18 -21.21 7.88
C VAL D 126 -6.05 -19.99 6.95
N HIS D 127 -7.06 -19.12 6.82
CA HIS D 127 -6.93 -17.88 6.06
C HIS D 127 -5.74 -17.09 6.64
N ALA D 128 -5.59 -16.99 7.96
CA ALA D 128 -4.44 -16.28 8.50
C ALA D 128 -3.13 -17.00 8.20
N SER D 129 -3.04 -18.33 8.32
CA SER D 129 -1.82 -19.07 8.03
C SER D 129 -1.44 -18.91 6.58
N LEU D 130 -2.43 -19.00 5.68
CA LEU D 130 -2.19 -18.87 4.26
C LEU D 130 -1.79 -17.45 3.89
N ASP D 131 -2.33 -16.44 4.57
CA ASP D 131 -1.90 -15.12 4.27
C ASP D 131 -0.42 -14.92 4.65
N LYS D 132 0.05 -15.49 5.75
CA LYS D 132 1.46 -15.38 6.13
C LYS D 132 2.38 -16.02 5.10
N VAL D 133 2.04 -17.21 4.57
CA VAL D 133 2.86 -17.90 3.57
C VAL D 133 2.91 -17.06 2.33
N LEU D 134 1.75 -16.63 1.89
CA LEU D 134 1.64 -15.74 0.76
C LEU D 134 2.46 -14.45 0.89
N ALA D 135 2.47 -13.85 2.06
CA ALA D 135 3.26 -12.66 2.33
C ALA D 135 4.74 -12.96 2.30
N SER D 136 5.17 -14.13 2.77
CA SER D 136 6.58 -14.48 2.76
C SER D 136 7.08 -14.73 1.35
N VAL D 137 6.25 -15.41 0.54
CA VAL D 137 6.61 -15.73 -0.85
C VAL D 137 6.74 -14.39 -1.59
N SER D 138 5.80 -13.47 -1.38
CA SER D 138 5.86 -12.13 -1.92
C SER D 138 7.12 -11.39 -1.45
N THR D 139 7.54 -11.34 -0.19
CA THR D 139 8.75 -10.61 0.15
C THR D 139 9.96 -11.26 -0.54
N VAL D 140 9.99 -12.59 -0.71
CA VAL D 140 11.06 -13.26 -1.42
C VAL D 140 11.00 -12.95 -2.91
N LEU D 141 9.90 -13.03 -3.64
CA LEU D 141 9.90 -12.75 -5.08
C LEU D 141 10.24 -11.29 -5.38
N THR D 142 10.05 -10.45 -4.37
CA THR D 142 10.41 -9.04 -4.41
C THR D 142 11.83 -8.75 -3.89
N SER D 143 12.56 -9.75 -3.37
CA SER D 143 13.95 -9.64 -2.93
C SER D 143 14.84 -8.77 -3.78
N LYS D 144 14.87 -8.96 -5.10
CA LYS D 144 15.80 -8.28 -5.97
C LYS D 144 15.51 -6.82 -6.29
N TYR D 145 14.76 -6.17 -5.40
CA TYR D 145 14.44 -4.76 -5.49
C TYR D 145 14.96 -4.07 -4.23
N ARG D 146 15.48 -4.85 -3.29
CA ARG D 146 15.83 -4.39 -1.98
C ARG D 146 17.05 -5.20 -1.59
#